data_1CSM
#
_entry.id   1CSM
#
_cell.length_a   95.800
_cell.length_b   95.800
_cell.length_c   157.900
_cell.angle_alpha   90.00
_cell.angle_beta   90.00
_cell.angle_gamma   120.00
#
_symmetry.space_group_name_H-M   'P 61'
#
loop_
_entity.id
_entity.type
_entity.pdbx_description
1 polymer 'CHORISMATE MUTASE'
2 non-polymer TRYPTOPHAN
3 water water
#
_entity_poly.entity_id   1
_entity_poly.type   'polypeptide(L)'
_entity_poly.pdbx_seq_one_letter_code
;MDFTKPETVLNLQNIRDELVRMEDSIIFKFIERSHFATCPSVYEANHPGLEIPNFKGSFLDWALSNLEIAHSRIRRFESP
DETPFFPDKIQKSFLPSINYPQILAPYAPEVNYNDKIKKVYIEKIIPLISKRDGDDKNNFGSVATRDIECLQSLSRRIHF
GKFVAEAKFQSDIPLYTKLIKSKDVEGIMKNITNSAVEEKILERLTKKAEVYGVDPTNESGERRIIPEYLVKIYKEIVIP
ITKEVEVEYLLRRLEE
;
_entity_poly.pdbx_strand_id   A,B
#
# COMPACT_ATOMS: atom_id res chain seq x y z
N MET A 1 8.40 -13.00 15.17
CA MET A 1 7.65 -12.20 16.17
C MET A 1 6.19 -12.61 16.19
N ASP A 2 5.73 -13.06 17.36
CA ASP A 2 4.36 -13.47 17.52
C ASP A 2 3.91 -12.66 18.72
N PHE A 3 3.01 -11.70 18.53
CA PHE A 3 2.58 -10.86 19.65
C PHE A 3 1.77 -11.56 20.76
N THR A 4 1.72 -12.88 20.71
CA THR A 4 1.03 -13.65 21.73
C THR A 4 2.04 -14.55 22.47
N LYS A 5 3.30 -14.45 22.06
CA LYS A 5 4.38 -15.18 22.68
C LYS A 5 5.44 -14.11 22.96
N PRO A 6 5.35 -13.48 24.14
CA PRO A 6 6.23 -12.41 24.61
C PRO A 6 7.70 -12.58 24.31
N GLU A 7 8.16 -13.82 24.36
CA GLU A 7 9.57 -14.15 24.11
C GLU A 7 10.07 -13.99 22.68
N THR A 8 9.19 -14.03 21.69
CA THR A 8 9.63 -13.85 20.30
C THR A 8 9.73 -12.36 20.02
N VAL A 9 8.90 -11.60 20.71
CA VAL A 9 8.85 -10.16 20.58
C VAL A 9 10.05 -9.49 21.25
N LEU A 10 10.28 -9.82 22.51
CA LEU A 10 11.41 -9.24 23.22
C LEU A 10 12.75 -9.85 22.87
N ASN A 11 12.88 -10.32 21.64
CA ASN A 11 14.14 -10.91 21.16
C ASN A 11 14.76 -9.86 20.22
N LEU A 12 15.93 -9.36 20.58
CA LEU A 12 16.62 -8.35 19.77
C LEU A 12 17.04 -8.76 18.37
N GLN A 13 17.37 -10.03 18.16
CA GLN A 13 17.75 -10.48 16.83
C GLN A 13 16.50 -10.27 15.98
N ASN A 14 15.35 -10.63 16.55
CA ASN A 14 14.04 -10.52 15.90
C ASN A 14 13.62 -9.10 15.64
N ILE A 15 13.79 -8.24 16.66
CA ILE A 15 13.42 -6.86 16.55
C ILE A 15 14.20 -6.27 15.39
N ARG A 16 15.49 -6.62 15.30
CA ARG A 16 16.31 -6.12 14.21
C ARG A 16 15.74 -6.51 12.86
N ASP A 17 15.39 -7.77 12.71
CA ASP A 17 14.85 -8.26 11.45
C ASP A 17 13.63 -7.50 11.00
N GLU A 18 12.76 -7.16 11.95
CA GLU A 18 11.54 -6.48 11.64
C GLU A 18 11.80 -5.07 11.17
N LEU A 19 12.78 -4.41 11.78
CA LEU A 19 13.12 -3.03 11.42
C LEU A 19 13.67 -3.00 10.01
N VAL A 20 14.42 -4.03 9.65
CA VAL A 20 14.99 -4.13 8.32
C VAL A 20 13.82 -4.30 7.41
N ARG A 21 12.94 -5.23 7.75
CA ARG A 21 11.77 -5.49 6.96
C ARG A 21 11.03 -4.17 6.77
N MET A 22 10.95 -3.37 7.82
CA MET A 22 10.23 -2.10 7.77
C MET A 22 10.87 -1.01 6.92
N GLU A 23 12.19 -1.00 6.79
CA GLU A 23 12.78 0.04 5.99
C GLU A 23 12.49 -0.14 4.51
N ASP A 24 12.50 -1.39 4.04
CA ASP A 24 12.22 -1.69 2.64
C ASP A 24 10.79 -1.33 2.38
N SER A 25 9.98 -1.49 3.41
CA SER A 25 8.57 -1.20 3.33
C SER A 25 8.36 0.29 3.13
N ILE A 26 9.02 1.08 3.97
CA ILE A 26 8.91 2.54 3.89
C ILE A 26 9.38 3.03 2.54
N ILE A 27 10.48 2.46 2.03
CA ILE A 27 11.03 2.85 0.74
C ILE A 27 10.03 2.61 -0.38
N PHE A 28 9.44 1.43 -0.41
CA PHE A 28 8.45 1.11 -1.44
C PHE A 28 7.32 2.14 -1.38
N LYS A 29 6.83 2.46 -0.19
CA LYS A 29 5.75 3.42 -0.02
C LYS A 29 6.15 4.82 -0.47
N PHE A 30 7.40 5.20 -0.25
CA PHE A 30 7.91 6.53 -0.69
C PHE A 30 7.92 6.58 -2.22
N ILE A 31 8.37 5.49 -2.87
CA ILE A 31 8.44 5.41 -4.34
C ILE A 31 7.10 5.56 -5.00
N GLU A 32 6.04 5.07 -4.36
CA GLU A 32 4.70 5.18 -4.91
C GLU A 32 4.22 6.62 -4.75
N ARG A 33 4.56 7.25 -3.62
CA ARG A 33 4.15 8.62 -3.39
C ARG A 33 4.91 9.57 -4.33
N SER A 34 6.09 9.16 -4.75
CA SER A 34 6.91 9.96 -5.63
C SER A 34 6.35 10.17 -7.04
N HIS A 35 5.31 9.44 -7.39
CA HIS A 35 4.72 9.59 -8.72
C HIS A 35 3.77 10.77 -8.85
N PHE A 36 3.51 11.47 -7.75
CA PHE A 36 2.59 12.60 -7.81
C PHE A 36 3.23 13.89 -7.33
N ALA A 37 2.62 15.02 -7.70
CA ALA A 37 3.10 16.33 -7.32
C ALA A 37 2.81 16.45 -5.82
N THR A 38 3.21 17.57 -5.22
CA THR A 38 3.02 17.77 -3.77
C THR A 38 1.59 17.92 -3.28
N CYS A 39 0.69 18.32 -4.19
CA CYS A 39 -0.72 18.54 -3.87
C CYS A 39 -0.97 19.21 -2.53
N PRO A 40 -0.55 20.47 -2.39
CA PRO A 40 -0.72 21.26 -1.16
C PRO A 40 -2.14 21.28 -0.64
N SER A 41 -3.09 21.18 -1.54
CA SER A 41 -4.49 21.23 -1.13
C SER A 41 -5.00 20.00 -0.37
N VAL A 42 -4.34 18.86 -0.54
CA VAL A 42 -4.74 17.64 0.14
C VAL A 42 -4.53 17.79 1.64
N TYR A 43 -3.64 18.70 2.04
CA TYR A 43 -3.33 18.88 3.44
C TYR A 43 -3.90 20.08 4.14
N GLU A 44 -4.48 20.99 3.40
CA GLU A 44 -5.01 22.21 4.01
C GLU A 44 -6.32 21.95 4.69
N ALA A 45 -6.52 22.53 5.84
CA ALA A 45 -7.78 22.35 6.56
C ALA A 45 -8.88 23.17 5.90
N ASN A 46 -10.00 22.53 5.59
CA ASN A 46 -11.14 23.19 4.95
C ASN A 46 -10.78 23.99 3.70
N HIS A 47 -10.10 23.33 2.77
CA HIS A 47 -9.70 23.96 1.53
C HIS A 47 -10.98 24.34 0.79
N PRO A 48 -11.01 25.52 0.15
CA PRO A 48 -12.17 26.02 -0.60
C PRO A 48 -12.87 24.96 -1.45
N GLY A 49 -12.10 24.28 -2.30
CA GLY A 49 -12.67 23.26 -3.16
C GLY A 49 -13.01 21.95 -2.48
N LEU A 50 -11.98 21.26 -1.98
CA LEU A 50 -12.14 19.98 -1.29
C LEU A 50 -12.80 20.22 0.05
N GLU A 51 -14.08 20.58 0.00
CA GLU A 51 -14.87 20.89 1.18
C GLU A 51 -15.75 19.72 1.64
N ILE A 52 -15.29 18.99 2.65
CA ILE A 52 -16.04 17.83 3.17
C ILE A 52 -17.15 18.29 4.13
N PRO A 53 -18.38 17.83 3.89
CA PRO A 53 -19.58 18.16 4.69
C PRO A 53 -19.41 17.72 6.14
N ASN A 54 -19.87 18.57 7.05
CA ASN A 54 -19.80 18.31 8.49
C ASN A 54 -18.38 17.96 8.83
N PHE A 55 -17.41 18.64 8.23
CA PHE A 55 -16.05 18.30 8.53
C PHE A 55 -15.06 19.43 8.41
N LYS A 56 -14.42 19.74 9.52
CA LYS A 56 -13.37 20.74 9.52
C LYS A 56 -12.17 19.83 9.34
N GLY A 57 -11.06 20.36 8.86
CA GLY A 57 -9.91 19.48 8.70
C GLY A 57 -9.70 19.13 7.25
N SER A 58 -8.51 18.58 7.00
CA SER A 58 -8.08 18.24 5.66
C SER A 58 -8.73 17.05 4.97
N PHE A 59 -8.47 16.97 3.67
CA PHE A 59 -8.94 15.87 2.84
C PHE A 59 -8.23 14.58 3.34
N LEU A 60 -6.93 14.68 3.68
CA LEU A 60 -6.15 13.55 4.19
C LEU A 60 -6.72 13.08 5.51
N ASP A 61 -6.95 14.02 6.42
CA ASP A 61 -7.53 13.71 7.72
C ASP A 61 -8.84 12.95 7.59
N TRP A 62 -9.68 13.36 6.64
CA TRP A 62 -10.94 12.68 6.45
C TRP A 62 -10.64 11.25 6.05
N ALA A 63 -9.83 11.07 5.01
CA ALA A 63 -9.52 9.73 4.53
C ALA A 63 -8.85 8.88 5.60
N LEU A 64 -7.93 9.45 6.36
CA LEU A 64 -7.26 8.70 7.41
C LEU A 64 -8.19 8.38 8.58
N SER A 65 -8.83 9.38 9.17
CA SER A 65 -9.73 9.14 10.29
C SER A 65 -10.75 8.08 9.91
N ASN A 66 -11.28 8.18 8.70
CA ASN A 66 -12.26 7.18 8.28
C ASN A 66 -11.67 5.78 8.19
N LEU A 67 -10.45 5.65 7.68
CA LEU A 67 -9.84 4.33 7.57
C LEU A 67 -9.65 3.74 8.95
N GLU A 68 -9.22 4.58 9.90
CA GLU A 68 -8.99 4.11 11.24
C GLU A 68 -10.25 3.61 11.91
N ILE A 69 -11.35 4.32 11.75
CA ILE A 69 -12.58 3.89 12.39
C ILE A 69 -12.98 2.51 11.89
N ALA A 70 -12.77 2.24 10.60
CA ALA A 70 -13.14 0.95 10.07
C ALA A 70 -12.21 -0.08 10.64
N HIS A 71 -10.93 0.16 10.52
CA HIS A 71 -9.98 -0.78 11.04
C HIS A 71 -10.13 -1.07 12.55
N SER A 72 -10.50 -0.07 13.33
CA SER A 72 -10.63 -0.26 14.78
C SER A 72 -11.71 -1.28 15.15
N ARG A 73 -12.76 -1.35 14.33
CA ARG A 73 -13.86 -2.29 14.57
C ARG A 73 -13.38 -3.71 14.28
N ILE A 74 -12.37 -3.81 13.42
CA ILE A 74 -11.78 -5.10 13.10
C ILE A 74 -10.46 -5.31 13.89
N ARG A 75 -10.50 -4.85 15.14
CA ARG A 75 -9.41 -5.01 16.09
C ARG A 75 -8.06 -4.45 15.73
N ARG A 76 -8.02 -3.47 14.85
CA ARG A 76 -6.72 -2.95 14.50
C ARG A 76 -5.90 -2.44 15.68
N PHE A 77 -6.50 -1.61 16.53
CA PHE A 77 -5.73 -1.03 17.59
C PHE A 77 -5.63 -1.75 18.93
N GLU A 78 -6.00 -3.02 18.96
CA GLU A 78 -5.85 -3.83 20.18
C GLU A 78 -4.41 -4.34 20.19
N SER A 79 -3.82 -4.45 19.00
CA SER A 79 -2.47 -4.95 18.86
C SER A 79 -1.48 -3.95 19.44
N PRO A 80 -0.48 -4.46 20.16
CA PRO A 80 0.54 -3.61 20.78
C PRO A 80 1.43 -2.85 19.80
N ASP A 81 1.49 -3.30 18.54
CA ASP A 81 2.32 -2.59 17.59
C ASP A 81 1.58 -1.59 16.71
N GLU A 82 0.31 -1.31 17.03
CA GLU A 82 -0.49 -0.39 16.23
C GLU A 82 -0.98 0.80 17.06
N THR A 83 -0.53 2.00 16.67
CA THR A 83 -0.88 3.26 17.33
C THR A 83 -1.74 4.18 16.45
N PRO A 84 -2.94 4.57 16.94
CA PRO A 84 -3.84 5.42 16.17
C PRO A 84 -3.43 6.90 16.01
N PHE A 85 -3.89 7.51 14.90
CA PHE A 85 -3.66 8.92 14.55
C PHE A 85 -4.78 9.75 15.12
N PHE A 86 -5.96 9.13 15.20
CA PHE A 86 -7.16 9.76 15.75
C PHE A 86 -7.68 8.86 16.86
N PRO A 87 -6.89 8.71 17.92
CA PRO A 87 -7.21 7.87 19.07
C PRO A 87 -8.59 8.13 19.63
N ASP A 88 -9.03 9.37 19.52
CA ASP A 88 -10.34 9.77 20.03
C ASP A 88 -11.47 9.34 19.10
N LYS A 89 -11.14 9.07 17.83
CA LYS A 89 -12.10 8.68 16.81
C LYS A 89 -12.36 7.17 16.70
N ILE A 90 -11.39 6.35 17.07
CA ILE A 90 -11.54 4.91 16.93
C ILE A 90 -12.61 4.28 17.79
N GLN A 91 -13.18 3.19 17.29
CA GLN A 91 -14.26 2.47 17.96
C GLN A 91 -13.76 1.20 18.59
N LYS A 92 -14.69 0.46 19.18
CA LYS A 92 -14.41 -0.84 19.81
C LYS A 92 -14.61 -1.89 18.70
N SER A 93 -13.94 -3.03 18.80
CA SER A 93 -14.10 -4.06 17.80
C SER A 93 -15.44 -4.77 17.92
N PHE A 94 -15.92 -5.34 16.83
CA PHE A 94 -17.15 -6.09 16.87
C PHE A 94 -16.77 -7.55 16.67
N LEU A 95 -15.47 -7.81 16.70
CA LEU A 95 -14.98 -9.18 16.55
C LEU A 95 -14.49 -9.64 17.93
N PRO A 96 -14.45 -10.97 18.16
CA PRO A 96 -13.98 -11.56 19.42
C PRO A 96 -12.52 -11.19 19.57
N SER A 97 -12.14 -10.74 20.75
CA SER A 97 -10.77 -10.33 20.99
C SER A 97 -9.70 -11.41 21.08
N ILE A 98 -8.49 -11.00 20.75
CA ILE A 98 -7.31 -11.83 20.81
C ILE A 98 -6.73 -11.38 22.15
N ASN A 99 -6.60 -12.27 23.11
CA ASN A 99 -6.07 -11.85 24.42
C ASN A 99 -4.58 -11.74 24.38
N TYR A 100 -4.10 -10.55 24.00
CA TYR A 100 -2.66 -10.30 23.91
C TYR A 100 -2.05 -10.31 25.31
N PRO A 101 -0.89 -10.95 25.47
CA PRO A 101 -0.26 -10.96 26.78
C PRO A 101 0.16 -9.52 27.11
N GLN A 102 0.55 -9.24 28.35
CA GLN A 102 1.01 -7.89 28.70
C GLN A 102 2.52 -7.92 28.47
N ILE A 103 2.97 -7.44 27.32
CA ILE A 103 4.40 -7.43 26.98
C ILE A 103 5.12 -6.16 27.47
N LEU A 104 4.64 -5.00 27.03
CA LEU A 104 5.20 -3.70 27.40
C LEU A 104 4.46 -3.19 28.62
N ALA A 105 5.04 -2.21 29.32
CA ALA A 105 4.41 -1.62 30.50
C ALA A 105 3.05 -1.05 30.08
N PRO A 106 2.07 -1.17 30.95
CA PRO A 106 0.69 -0.72 30.77
C PRO A 106 0.43 0.71 30.28
N TYR A 107 1.41 1.59 30.36
CA TYR A 107 1.18 2.94 29.89
C TYR A 107 1.65 3.06 28.45
N ALA A 108 2.12 1.96 27.87
CA ALA A 108 2.64 2.00 26.51
C ALA A 108 1.78 2.75 25.51
N PRO A 109 0.46 2.51 25.49
CA PRO A 109 -0.41 3.20 24.53
C PRO A 109 -0.46 4.74 24.64
N GLU A 110 0.04 5.29 25.73
CA GLU A 110 0.04 6.75 25.90
C GLU A 110 1.22 7.39 25.18
N VAL A 111 2.30 6.62 24.95
CA VAL A 111 3.47 7.11 24.24
C VAL A 111 3.03 7.14 22.77
N ASN A 112 2.52 8.29 22.36
CA ASN A 112 1.98 8.48 21.03
C ASN A 112 2.49 9.77 20.36
N TYR A 113 3.49 9.63 19.51
CA TYR A 113 4.09 10.73 18.75
C TYR A 113 3.49 10.92 17.35
N ASN A 114 2.30 10.41 17.13
CA ASN A 114 1.67 10.51 15.82
C ASN A 114 1.41 11.93 15.32
N ASP A 115 1.03 12.84 16.21
CA ASP A 115 0.79 14.21 15.82
C ASP A 115 2.04 14.81 15.21
N LYS A 116 3.17 14.50 15.82
CA LYS A 116 4.45 15.01 15.35
C LYS A 116 4.84 14.35 14.03
N ILE A 117 4.58 13.05 13.91
CA ILE A 117 4.88 12.30 12.69
C ILE A 117 4.10 12.81 11.47
N LYS A 118 2.81 13.08 11.64
CA LYS A 118 2.01 13.56 10.53
C LYS A 118 2.49 14.93 10.08
N LYS A 119 2.94 15.73 11.04
CA LYS A 119 3.43 17.09 10.82
C LYS A 119 4.72 17.16 10.06
N VAL A 120 5.71 16.37 10.44
CA VAL A 120 6.97 16.43 9.69
C VAL A 120 6.85 15.69 8.38
N TYR A 121 5.89 14.78 8.28
CA TYR A 121 5.71 14.04 7.02
C TYR A 121 5.25 15.11 6.00
N ILE A 122 4.23 15.86 6.38
CA ILE A 122 3.69 16.90 5.55
C ILE A 122 4.68 18.03 5.26
N GLU A 123 5.35 18.53 6.28
CA GLU A 123 6.27 19.62 6.10
C GLU A 123 7.68 19.31 5.57
N LYS A 124 8.33 18.27 6.07
CA LYS A 124 9.69 17.97 5.59
C LYS A 124 9.83 16.80 4.63
N ILE A 125 8.86 15.90 4.59
CA ILE A 125 9.00 14.73 3.71
C ILE A 125 8.34 14.85 2.35
N ILE A 126 7.08 15.30 2.31
CA ILE A 126 6.40 15.43 1.01
C ILE A 126 7.26 16.23 0.03
N PRO A 127 7.86 17.35 0.49
CA PRO A 127 8.70 18.18 -0.39
C PRO A 127 9.87 17.46 -1.06
N LEU A 128 10.53 16.54 -0.35
CA LEU A 128 11.67 15.81 -0.87
C LEU A 128 11.29 14.66 -1.75
N ILE A 129 10.10 14.11 -1.55
CA ILE A 129 9.72 12.95 -2.35
C ILE A 129 8.72 13.13 -3.46
N SER A 130 7.94 14.21 -3.44
CA SER A 130 6.97 14.46 -4.49
C SER A 130 7.63 14.69 -5.85
N LYS A 131 6.87 14.47 -6.92
CA LYS A 131 7.36 14.64 -8.30
C LYS A 131 7.66 16.09 -8.67
N ARG A 132 6.77 16.98 -8.27
CA ARG A 132 6.89 18.40 -8.55
C ARG A 132 6.00 19.14 -7.56
N ASP A 133 6.16 20.45 -7.51
CA ASP A 133 5.37 21.32 -6.63
C ASP A 133 4.01 21.54 -7.27
N GLY A 134 3.04 21.91 -6.45
CA GLY A 134 1.71 22.19 -6.96
C GLY A 134 0.70 21.08 -6.89
N ASP A 135 -0.54 21.47 -7.08
CA ASP A 135 -1.67 20.58 -7.04
C ASP A 135 -1.85 19.82 -8.33
N ASP A 136 -2.25 18.56 -8.18
CA ASP A 136 -2.54 17.70 -9.31
C ASP A 136 -4.00 17.40 -9.06
N LYS A 137 -4.85 18.32 -9.50
CA LYS A 137 -6.30 18.24 -9.34
C LYS A 137 -6.99 16.90 -9.59
N ASN A 138 -6.48 16.11 -10.53
CA ASN A 138 -7.07 14.81 -10.84
C ASN A 138 -6.51 13.67 -9.98
N ASN A 139 -5.60 13.95 -9.06
CA ASN A 139 -5.04 12.85 -8.30
C ASN A 139 -5.00 13.03 -6.81
N PHE A 140 -5.94 13.81 -6.27
CA PHE A 140 -5.94 14.01 -4.85
C PHE A 140 -6.23 12.72 -4.10
N GLY A 141 -7.11 11.87 -4.63
CA GLY A 141 -7.44 10.60 -4.01
C GLY A 141 -6.26 9.66 -4.10
N SER A 142 -5.64 9.55 -5.28
CA SER A 142 -4.46 8.71 -5.45
C SER A 142 -3.40 9.13 -4.43
N VAL A 143 -3.22 10.43 -4.26
CA VAL A 143 -2.25 10.96 -3.33
C VAL A 143 -2.54 10.68 -1.86
N ALA A 144 -3.78 10.94 -1.41
CA ALA A 144 -4.12 10.71 -0.01
C ALA A 144 -4.01 9.24 0.39
N THR A 145 -4.45 8.34 -0.46
CA THR A 145 -4.34 6.94 -0.10
C THR A 145 -2.88 6.53 -0.01
N ARG A 146 -1.99 7.16 -0.78
CA ARG A 146 -0.54 6.85 -0.73
C ARG A 146 0.08 7.44 0.54
N ASP A 147 -0.48 8.57 0.95
CA ASP A 147 -0.02 9.27 2.13
C ASP A 147 -0.30 8.42 3.35
N ILE A 148 -1.48 7.82 3.39
CA ILE A 148 -1.87 6.96 4.51
C ILE A 148 -0.95 5.75 4.63
N GLU A 149 -0.56 5.17 3.50
CA GLU A 149 0.34 4.02 3.51
C GLU A 149 1.68 4.41 4.11
N CYS A 150 2.16 5.61 3.76
CA CYS A 150 3.44 6.11 4.24
C CYS A 150 3.38 6.45 5.71
N LEU A 151 2.31 7.11 6.12
CA LEU A 151 2.13 7.51 7.50
C LEU A 151 2.05 6.30 8.43
N GLN A 152 1.30 5.29 8.02
CA GLN A 152 1.15 4.10 8.84
C GLN A 152 2.42 3.26 9.01
N SER A 153 3.28 3.23 8.01
CA SER A 153 4.54 2.50 8.10
C SER A 153 5.52 3.26 8.98
N LEU A 154 5.57 4.58 8.79
CA LEU A 154 6.47 5.39 9.59
C LEU A 154 6.03 5.26 11.04
N SER A 155 4.75 5.45 11.30
CA SER A 155 4.23 5.38 12.65
C SER A 155 4.58 4.11 13.38
N ARG A 156 4.56 2.99 12.68
CA ARG A 156 4.86 1.68 13.29
C ARG A 156 6.35 1.52 13.51
N ARG A 157 7.12 1.92 12.50
CA ARG A 157 8.57 1.85 12.57
C ARG A 157 9.00 2.64 13.79
N ILE A 158 8.54 3.88 13.86
CA ILE A 158 8.87 4.77 14.95
C ILE A 158 8.36 4.26 16.32
N HIS A 159 7.11 3.85 16.39
CA HIS A 159 6.60 3.36 17.66
C HIS A 159 7.17 2.01 18.02
N PHE A 160 7.89 1.37 17.09
CA PHE A 160 8.49 0.09 17.40
C PHE A 160 9.55 0.28 18.47
N GLY A 161 9.99 1.52 18.65
CA GLY A 161 10.99 1.82 19.66
C GLY A 161 10.56 1.43 21.06
N LYS A 162 9.27 1.25 21.32
CA LYS A 162 8.79 0.85 22.63
C LYS A 162 9.26 -0.57 22.84
N PHE A 163 9.21 -1.36 21.79
CA PHE A 163 9.65 -2.75 21.86
C PHE A 163 11.17 -2.75 22.02
N VAL A 164 11.86 -1.94 21.23
CA VAL A 164 13.31 -1.85 21.27
C VAL A 164 13.78 -1.45 22.67
N ALA A 165 13.11 -0.48 23.27
CA ALA A 165 13.43 0.01 24.61
C ALA A 165 13.32 -1.12 25.66
N GLU A 166 12.17 -1.78 25.71
CA GLU A 166 11.93 -2.89 26.64
C GLU A 166 12.98 -3.99 26.48
N ALA A 167 13.33 -4.33 25.25
CA ALA A 167 14.31 -5.36 24.99
C ALA A 167 15.68 -4.94 25.54
N LYS A 168 15.98 -3.65 25.45
CA LYS A 168 17.26 -3.19 25.93
C LYS A 168 17.19 -3.15 27.44
N PHE A 169 16.01 -2.83 27.96
CA PHE A 169 15.84 -2.76 29.38
C PHE A 169 16.10 -4.11 30.05
N GLN A 170 15.51 -5.17 29.51
CA GLN A 170 15.68 -6.51 30.07
C GLN A 170 17.11 -7.00 30.03
N SER A 171 17.84 -6.67 28.98
CA SER A 171 19.20 -7.11 28.83
C SER A 171 20.24 -6.51 29.80
N ASP A 172 19.91 -5.41 30.45
CA ASP A 172 20.85 -4.79 31.38
C ASP A 172 20.04 -3.97 32.38
N ILE A 173 19.23 -4.68 33.15
CA ILE A 173 18.38 -4.05 34.15
C ILE A 173 19.16 -3.07 35.02
N PRO A 174 20.32 -3.50 35.55
CA PRO A 174 21.14 -2.63 36.42
C PRO A 174 21.48 -1.28 35.78
N LEU A 175 22.05 -1.32 34.58
CA LEU A 175 22.41 -0.12 33.86
C LEU A 175 21.20 0.81 33.68
N TYR A 176 20.15 0.30 33.07
CA TYR A 176 18.99 1.13 32.84
C TYR A 176 18.23 1.52 34.09
N THR A 177 18.33 0.73 35.17
CA THR A 177 17.63 1.07 36.43
C THR A 177 18.31 2.30 37.07
N LYS A 178 19.64 2.36 36.93
CA LYS A 178 20.44 3.48 37.44
C LYS A 178 20.03 4.75 36.69
N LEU A 179 20.15 4.69 35.36
CA LEU A 179 19.82 5.80 34.46
C LEU A 179 18.39 6.28 34.68
N ILE A 180 17.45 5.35 34.68
CA ILE A 180 16.03 5.69 34.88
C ILE A 180 15.74 6.38 36.21
N LYS A 181 16.30 5.87 37.30
CA LYS A 181 16.06 6.45 38.64
C LYS A 181 16.64 7.85 38.80
N SER A 182 17.75 8.11 38.11
CA SER A 182 18.42 9.40 38.16
C SER A 182 18.01 10.32 37.02
N LYS A 183 17.05 9.88 36.19
CA LYS A 183 16.56 10.66 35.06
C LYS A 183 17.65 11.21 34.17
N ASP A 184 18.62 10.37 33.89
CA ASP A 184 19.76 10.72 33.06
C ASP A 184 19.44 10.47 31.59
N VAL A 185 18.61 11.33 31.00
CA VAL A 185 18.24 11.19 29.59
C VAL A 185 19.46 11.03 28.71
N GLU A 186 20.51 11.78 29.03
CA GLU A 186 21.77 11.76 28.30
C GLU A 186 22.43 10.39 28.40
N GLY A 187 22.27 9.74 29.56
CA GLY A 187 22.84 8.42 29.76
C GLY A 187 22.03 7.42 28.97
N ILE A 188 20.70 7.55 29.01
CA ILE A 188 19.81 6.66 28.27
C ILE A 188 20.09 6.79 26.77
N MET A 189 20.17 8.03 26.30
CA MET A 189 20.45 8.35 24.90
C MET A 189 21.76 7.71 24.45
N LYS A 190 22.81 8.04 25.19
CA LYS A 190 24.15 7.54 24.92
C LYS A 190 24.14 6.02 24.82
N ASN A 191 23.38 5.38 25.69
CA ASN A 191 23.31 3.92 25.70
C ASN A 191 22.47 3.26 24.64
N ILE A 192 21.32 3.83 24.34
CA ILE A 192 20.48 3.22 23.32
C ILE A 192 20.95 3.60 21.91
N THR A 193 21.99 4.40 21.80
CA THR A 193 22.49 4.80 20.48
C THR A 193 23.71 4.00 20.08
N ASN A 194 23.73 3.52 18.84
CA ASN A 194 24.91 2.81 18.33
C ASN A 194 25.33 3.42 17.01
N SER A 195 26.30 4.33 17.08
CA SER A 195 26.78 5.03 15.91
C SER A 195 27.32 4.17 14.79
N ALA A 196 27.73 2.96 15.11
CA ALA A 196 28.25 2.10 14.07
C ALA A 196 27.10 1.38 13.38
N VAL A 197 26.05 1.08 14.15
CA VAL A 197 24.90 0.40 13.57
C VAL A 197 24.11 1.37 12.71
N GLU A 198 24.06 2.63 13.11
CA GLU A 198 23.36 3.64 12.34
C GLU A 198 24.10 3.90 11.03
N GLU A 199 25.43 4.00 11.12
CA GLU A 199 26.29 4.21 9.95
C GLU A 199 25.95 3.17 8.87
N LYS A 200 25.93 1.92 9.31
CA LYS A 200 25.62 0.78 8.46
C LYS A 200 24.23 0.94 7.86
N ILE A 201 23.27 1.34 8.69
CA ILE A 201 21.90 1.54 8.23
C ILE A 201 21.88 2.56 7.11
N LEU A 202 22.50 3.72 7.35
CA LEU A 202 22.54 4.79 6.35
C LEU A 202 23.22 4.34 5.05
N GLU A 203 24.20 3.43 5.16
CA GLU A 203 24.87 2.91 3.98
C GLU A 203 23.89 2.02 3.21
N ARG A 204 23.23 1.13 3.94
CA ARG A 204 22.25 0.21 3.33
C ARG A 204 21.15 1.00 2.62
N LEU A 205 20.64 2.04 3.26
CA LEU A 205 19.60 2.85 2.65
C LEU A 205 20.04 3.54 1.34
N THR A 206 21.31 3.94 1.26
CA THR A 206 21.80 4.59 0.04
C THR A 206 21.79 3.61 -1.13
N LYS A 207 22.24 2.38 -0.88
CA LYS A 207 22.28 1.37 -1.92
C LYS A 207 20.89 0.88 -2.28
N LYS A 208 20.01 0.79 -1.30
CA LYS A 208 18.63 0.38 -1.56
C LYS A 208 17.93 1.49 -2.37
N ALA A 209 18.25 2.74 -2.03
CA ALA A 209 17.67 3.89 -2.71
C ALA A 209 18.13 3.88 -4.16
N GLU A 210 19.32 3.33 -4.38
CA GLU A 210 19.93 3.23 -5.70
C GLU A 210 19.43 2.09 -6.60
N VAL A 211 18.95 0.99 -6.02
CA VAL A 211 18.48 -0.14 -6.83
C VAL A 211 16.98 -0.31 -6.84
N TYR A 212 16.28 0.27 -5.88
CA TYR A 212 14.82 0.13 -5.83
C TYR A 212 14.08 1.13 -6.70
N GLY A 213 12.98 0.64 -7.30
CA GLY A 213 12.14 1.47 -8.15
C GLY A 213 12.69 1.75 -9.54
N VAL A 214 14.00 1.66 -9.69
CA VAL A 214 14.68 1.92 -10.95
C VAL A 214 14.66 0.62 -11.77
N ASP A 215 14.14 0.69 -12.99
CA ASP A 215 14.07 -0.48 -13.86
C ASP A 215 15.48 -0.96 -14.15
N PRO A 216 15.86 -2.15 -13.63
CA PRO A 216 17.19 -2.77 -13.81
C PRO A 216 17.52 -3.02 -15.28
N THR A 217 16.50 -2.84 -16.11
CA THR A 217 16.57 -3.02 -17.54
C THR A 217 17.36 -1.95 -18.28
N GLU A 222 14.93 7.78 -14.08
CA GLU A 222 16.21 7.60 -13.33
C GLU A 222 15.96 7.90 -11.86
N ARG A 223 16.09 6.88 -11.02
CA ARG A 223 15.90 7.00 -9.58
C ARG A 223 14.60 7.70 -9.13
N ARG A 224 13.67 6.91 -8.61
CA ARG A 224 12.40 7.42 -8.12
C ARG A 224 12.64 8.14 -6.81
N ILE A 225 13.76 7.83 -6.16
CA ILE A 225 14.14 8.41 -4.88
C ILE A 225 15.59 8.90 -4.90
N ILE A 226 15.85 10.07 -4.32
CA ILE A 226 17.19 10.63 -4.27
C ILE A 226 17.84 10.09 -3.00
N PRO A 227 18.88 9.27 -3.14
CA PRO A 227 19.60 8.69 -2.03
C PRO A 227 19.85 9.65 -0.88
N GLU A 228 20.39 10.83 -1.17
CA GLU A 228 20.68 11.82 -0.12
C GLU A 228 19.46 12.14 0.68
N TYR A 229 18.32 12.29 0.01
CA TYR A 229 17.10 12.63 0.68
C TYR A 229 16.57 11.50 1.55
N LEU A 230 16.69 10.25 1.11
CA LEU A 230 16.22 9.12 1.94
C LEU A 230 17.07 9.02 3.18
N VAL A 231 18.37 9.21 3.02
CA VAL A 231 19.27 9.15 4.15
C VAL A 231 18.94 10.30 5.12
N LYS A 232 18.63 11.45 4.56
CA LYS A 232 18.28 12.64 5.34
C LYS A 232 17.03 12.41 6.17
N ILE A 233 16.04 11.78 5.57
CA ILE A 233 14.79 11.50 6.26
C ILE A 233 15.05 10.55 7.45
N TYR A 234 15.91 9.55 7.26
CA TYR A 234 16.20 8.61 8.35
C TYR A 234 17.02 9.23 9.43
N LYS A 235 18.08 9.89 9.01
CA LYS A 235 19.00 10.55 9.92
C LYS A 235 18.37 11.66 10.72
N GLU A 236 17.48 12.44 10.10
CA GLU A 236 16.86 13.55 10.78
C GLU A 236 15.46 13.34 11.29
N ILE A 237 14.72 12.38 10.73
CA ILE A 237 13.35 12.18 11.19
C ILE A 237 13.07 10.84 11.87
N VAL A 238 13.27 9.76 11.13
CA VAL A 238 12.97 8.45 11.64
C VAL A 238 13.78 8.05 12.85
N ILE A 239 15.10 8.11 12.77
CA ILE A 239 15.94 7.73 13.90
C ILE A 239 15.75 8.63 15.12
N PRO A 240 15.77 9.96 14.95
CA PRO A 240 15.58 10.81 16.11
C PRO A 240 14.24 10.65 16.85
N ILE A 241 13.13 10.51 16.14
CA ILE A 241 11.85 10.38 16.81
C ILE A 241 11.76 9.02 17.50
N THR A 242 12.39 8.00 16.94
CA THR A 242 12.36 6.68 17.57
C THR A 242 13.03 6.71 18.95
N LYS A 243 14.08 7.49 19.08
CA LYS A 243 14.76 7.61 20.36
C LYS A 243 13.91 8.41 21.34
N GLU A 244 13.15 9.37 20.84
CA GLU A 244 12.27 10.12 21.71
C GLU A 244 11.25 9.18 22.32
N VAL A 245 10.76 8.22 21.52
CA VAL A 245 9.80 7.22 22.00
C VAL A 245 10.48 6.36 23.04
N GLU A 246 11.68 5.86 22.71
CA GLU A 246 12.47 5.04 23.62
C GLU A 246 12.73 5.68 24.99
N VAL A 247 13.27 6.89 25.02
CA VAL A 247 13.57 7.51 26.31
C VAL A 247 12.29 7.82 27.09
N GLU A 248 11.22 8.17 26.40
CA GLU A 248 9.98 8.47 27.09
C GLU A 248 9.45 7.18 27.73
N TYR A 249 9.53 6.07 27.01
CA TYR A 249 9.06 4.79 27.52
C TYR A 249 9.88 4.40 28.74
N LEU A 250 11.20 4.48 28.63
CA LEU A 250 12.08 4.14 29.73
C LEU A 250 11.90 4.98 31.00
N LEU A 251 11.81 6.29 30.87
CA LEU A 251 11.68 7.12 32.08
C LEU A 251 10.47 6.79 32.92
N ARG A 252 9.48 6.15 32.30
CA ARG A 252 8.28 5.79 33.04
C ARG A 252 8.29 4.30 33.34
N ARG A 253 9.35 3.62 32.94
CA ARG A 253 9.45 2.19 33.12
C ARG A 253 9.17 1.72 34.54
N LEU A 254 9.88 2.27 35.51
CA LEU A 254 9.72 1.88 36.91
C LEU A 254 8.70 2.73 37.66
N GLU A 255 7.69 3.24 36.98
CA GLU A 255 6.74 4.12 37.66
C GLU A 255 5.87 3.53 38.77
N GLU A 256 4.73 2.97 38.42
CA GLU A 256 3.81 2.41 39.39
C GLU A 256 4.40 1.15 40.00
N MET B 1 -0.26 11.10 -18.80
CA MET B 1 -1.68 10.67 -18.97
C MET B 1 -2.61 11.46 -18.07
N ASP B 2 -3.45 12.29 -18.67
CA ASP B 2 -4.40 13.11 -17.96
C ASP B 2 -5.74 12.69 -18.52
N PHE B 3 -6.60 12.15 -17.67
CA PHE B 3 -7.91 11.67 -18.10
C PHE B 3 -8.93 12.74 -18.48
N THR B 4 -8.47 13.99 -18.63
CA THR B 4 -9.33 15.12 -19.03
C THR B 4 -8.81 15.72 -20.35
N LYS B 5 -7.76 15.11 -20.89
CA LYS B 5 -7.16 15.51 -22.15
C LYS B 5 -7.06 14.21 -22.94
N PRO B 6 -8.11 13.87 -23.70
CA PRO B 6 -8.27 12.67 -24.54
C PRO B 6 -7.03 12.25 -25.28
N GLU B 7 -6.36 13.23 -25.87
CA GLU B 7 -5.15 13.04 -26.66
C GLU B 7 -3.96 12.45 -25.91
N THR B 8 -3.96 12.55 -24.58
CA THR B 8 -2.87 12.03 -23.74
C THR B 8 -3.11 10.57 -23.37
N VAL B 9 -4.38 10.22 -23.23
CA VAL B 9 -4.82 8.90 -22.86
C VAL B 9 -4.72 7.91 -24.00
N LEU B 10 -5.20 8.31 -25.17
CA LEU B 10 -5.17 7.44 -26.35
C LEU B 10 -3.81 7.52 -27.04
N ASN B 11 -2.76 7.61 -26.24
CA ASN B 11 -1.39 7.69 -26.74
C ASN B 11 -0.73 6.39 -26.34
N LEU B 12 -0.48 5.52 -27.33
CA LEU B 12 0.12 4.23 -27.07
C LEU B 12 1.38 4.32 -26.24
N GLN B 13 2.22 5.30 -26.50
CA GLN B 13 3.44 5.41 -25.74
C GLN B 13 3.16 5.72 -24.28
N ASN B 14 2.15 6.57 -24.04
CA ASN B 14 1.79 6.96 -22.68
C ASN B 14 1.20 5.80 -21.91
N ILE B 15 0.48 4.95 -22.63
CA ILE B 15 -0.16 3.78 -22.06
C ILE B 15 0.92 2.78 -21.64
N ARG B 16 1.88 2.57 -22.53
CA ARG B 16 3.01 1.66 -22.30
C ARG B 16 3.83 2.05 -21.09
N ASP B 17 3.96 3.34 -20.83
CA ASP B 17 4.74 3.82 -19.69
C ASP B 17 3.96 3.61 -18.39
N GLU B 18 2.65 3.76 -18.48
CA GLU B 18 1.78 3.59 -17.33
C GLU B 18 1.85 2.13 -16.87
N LEU B 19 1.68 1.21 -17.80
CA LEU B 19 1.72 -0.22 -17.51
C LEU B 19 3.06 -0.63 -16.91
N VAL B 20 4.14 -0.02 -17.39
CA VAL B 20 5.47 -0.33 -16.88
C VAL B 20 5.67 0.20 -15.46
N ARG B 21 4.90 1.21 -15.09
CA ARG B 21 5.03 1.76 -13.76
C ARG B 21 4.23 0.87 -12.83
N MET B 22 3.15 0.30 -13.36
CA MET B 22 2.27 -0.58 -12.59
C MET B 22 2.93 -1.89 -12.22
N GLU B 23 3.89 -2.31 -13.03
CA GLU B 23 4.66 -3.53 -12.77
C GLU B 23 5.29 -3.39 -11.39
N ASP B 24 6.05 -2.32 -11.20
CA ASP B 24 6.72 -2.05 -9.94
C ASP B 24 5.77 -2.05 -8.76
N SER B 25 4.60 -1.47 -8.94
CA SER B 25 3.61 -1.41 -7.88
C SER B 25 3.09 -2.78 -7.50
N ILE B 26 2.93 -3.64 -8.50
CA ILE B 26 2.44 -4.98 -8.28
C ILE B 26 3.52 -5.81 -7.58
N ILE B 27 4.76 -5.63 -8.00
CA ILE B 27 5.87 -6.34 -7.39
C ILE B 27 6.04 -5.95 -5.93
N PHE B 28 6.02 -4.64 -5.67
CA PHE B 28 6.16 -4.10 -4.31
C PHE B 28 5.08 -4.68 -3.43
N LYS B 29 3.86 -4.75 -3.96
CA LYS B 29 2.73 -5.26 -3.20
C LYS B 29 2.73 -6.78 -2.97
N PHE B 30 3.35 -7.52 -3.90
CA PHE B 30 3.47 -8.96 -3.78
C PHE B 30 4.47 -9.18 -2.66
N ILE B 31 5.57 -8.43 -2.67
CA ILE B 31 6.59 -8.51 -1.60
C ILE B 31 5.96 -8.26 -0.23
N GLU B 32 5.06 -7.29 -0.14
CA GLU B 32 4.41 -7.00 1.12
C GLU B 32 3.52 -8.16 1.59
N ARG B 33 2.68 -8.68 0.69
CA ARG B 33 1.80 -9.79 1.03
C ARG B 33 2.59 -11.05 1.38
N SER B 34 3.79 -11.15 0.83
CA SER B 34 4.64 -12.31 1.03
C SER B 34 5.09 -12.56 2.47
N HIS B 35 5.10 -11.53 3.31
CA HIS B 35 5.53 -11.70 4.69
C HIS B 35 4.57 -12.52 5.55
N PHE B 36 3.36 -12.78 5.05
CA PHE B 36 2.37 -13.52 5.82
C PHE B 36 1.95 -14.84 5.23
N ALA B 37 1.39 -15.68 6.08
CA ALA B 37 0.93 -17.00 5.67
C ALA B 37 -0.27 -16.83 4.75
N THR B 38 -0.77 -17.94 4.24
CA THR B 38 -1.89 -17.94 3.34
C THR B 38 -3.19 -17.45 3.97
N CYS B 39 -3.37 -17.66 5.28
CA CYS B 39 -4.56 -17.26 6.01
C CYS B 39 -5.89 -17.53 5.28
N PRO B 40 -6.20 -18.81 5.04
CA PRO B 40 -7.43 -19.23 4.36
C PRO B 40 -8.73 -18.68 4.91
N SER B 41 -8.78 -18.47 6.22
CA SER B 41 -10.00 -17.97 6.86
C SER B 41 -10.40 -16.56 6.45
N VAL B 42 -9.42 -15.78 5.97
CA VAL B 42 -9.68 -14.40 5.56
C VAL B 42 -10.56 -14.39 4.33
N TYR B 43 -10.43 -15.44 3.55
CA TYR B 43 -11.17 -15.57 2.31
C TYR B 43 -12.42 -16.37 2.42
N GLU B 44 -12.66 -16.98 3.58
CA GLU B 44 -13.85 -17.82 3.77
C GLU B 44 -15.07 -16.99 4.18
N ALA B 45 -16.19 -17.23 3.49
CA ALA B 45 -17.41 -16.50 3.77
C ALA B 45 -18.01 -16.87 5.12
N ASN B 46 -18.38 -15.86 5.88
CA ASN B 46 -19.02 -16.02 7.20
C ASN B 46 -18.31 -17.14 7.98
N HIS B 47 -17.08 -16.87 8.35
CA HIS B 47 -16.26 -17.82 9.09
C HIS B 47 -16.50 -17.62 10.57
N PRO B 48 -16.81 -18.71 11.31
CA PRO B 48 -17.08 -18.78 12.75
C PRO B 48 -16.40 -17.72 13.61
N GLY B 49 -15.07 -17.74 13.66
CA GLY B 49 -14.38 -16.75 14.47
C GLY B 49 -14.37 -15.35 13.89
N LEU B 50 -14.50 -15.25 12.57
CA LEU B 50 -14.48 -13.95 11.88
C LEU B 50 -15.87 -13.52 11.43
N GLU B 51 -16.84 -13.70 12.32
CA GLU B 51 -18.23 -13.37 12.05
C GLU B 51 -18.49 -11.85 12.22
N ILE B 52 -18.83 -11.19 11.11
CA ILE B 52 -19.08 -9.74 11.12
C ILE B 52 -20.58 -9.46 11.20
N PRO B 53 -21.00 -8.56 12.12
CA PRO B 53 -22.39 -8.18 12.34
C PRO B 53 -23.09 -7.62 11.10
N ASN B 54 -24.24 -8.21 10.75
CA ASN B 54 -25.07 -7.78 9.61
C ASN B 54 -24.37 -7.86 8.26
N PHE B 55 -23.44 -8.79 8.11
CA PHE B 55 -22.70 -8.90 6.85
C PHE B 55 -22.48 -10.35 6.45
N LYS B 56 -22.74 -10.65 5.19
CA LYS B 56 -22.52 -12.00 4.67
C LYS B 56 -21.30 -11.86 3.77
N GLY B 57 -20.37 -12.79 3.85
CA GLY B 57 -19.18 -12.68 3.03
C GLY B 57 -17.96 -12.77 3.91
N SER B 58 -16.77 -12.79 3.31
CA SER B 58 -15.53 -12.92 4.05
C SER B 58 -15.06 -11.66 4.76
N PHE B 59 -13.98 -11.81 5.51
CA PHE B 59 -13.33 -10.72 6.21
C PHE B 59 -12.80 -9.80 5.07
N LEU B 60 -12.28 -10.44 4.03
CA LEU B 60 -11.77 -9.71 2.88
C LEU B 60 -12.86 -8.84 2.29
N ASP B 61 -14.00 -9.44 1.98
CA ASP B 61 -15.11 -8.68 1.42
C ASP B 61 -15.57 -7.49 2.26
N TRP B 62 -15.59 -7.63 3.58
CA TRP B 62 -16.04 -6.52 4.40
C TRP B 62 -15.04 -5.40 4.26
N ALA B 63 -13.76 -5.73 4.43
CA ALA B 63 -12.73 -4.71 4.35
C ALA B 63 -12.75 -4.03 2.99
N LEU B 64 -12.88 -4.80 1.91
CA LEU B 64 -12.89 -4.26 0.55
C LEU B 64 -14.14 -3.42 0.28
N SER B 65 -15.30 -3.98 0.56
CA SER B 65 -16.55 -3.28 0.31
C SER B 65 -16.63 -1.98 1.08
N ASN B 66 -16.06 -1.95 2.27
CA ASN B 66 -16.12 -0.70 3.03
C ASN B 66 -15.19 0.35 2.45
N LEU B 67 -14.03 -0.07 1.95
CA LEU B 67 -13.04 0.83 1.39
C LEU B 67 -13.61 1.52 0.15
N GLU B 68 -14.25 0.73 -0.73
CA GLU B 68 -14.83 1.28 -1.94
C GLU B 68 -15.92 2.30 -1.69
N ILE B 69 -16.85 2.01 -0.78
CA ILE B 69 -17.92 2.96 -0.45
C ILE B 69 -17.27 4.28 -0.04
N ALA B 70 -16.32 4.20 0.88
CA ALA B 70 -15.61 5.39 1.36
C ALA B 70 -14.97 6.18 0.21
N HIS B 71 -14.19 5.47 -0.61
CA HIS B 71 -13.49 6.08 -1.74
C HIS B 71 -14.40 6.64 -2.83
N SER B 72 -15.61 6.10 -2.95
CA SER B 72 -16.55 6.56 -3.97
C SER B 72 -17.12 7.92 -3.61
N ARG B 73 -17.18 8.20 -2.32
CA ARG B 73 -17.69 9.46 -1.83
C ARG B 73 -16.71 10.57 -2.20
N ILE B 74 -15.44 10.21 -2.34
CA ILE B 74 -14.41 11.19 -2.71
C ILE B 74 -13.95 11.04 -4.19
N ARG B 75 -14.90 10.71 -5.06
CA ARG B 75 -14.69 10.61 -6.52
C ARG B 75 -13.83 9.52 -7.12
N ARG B 76 -13.49 8.48 -6.36
CA ARG B 76 -12.64 7.43 -6.92
C ARG B 76 -13.11 6.74 -8.21
N PHE B 77 -14.41 6.48 -8.32
CA PHE B 77 -14.86 5.76 -9.48
C PHE B 77 -15.43 6.59 -10.60
N GLU B 78 -15.14 7.88 -10.57
CA GLU B 78 -15.55 8.76 -11.65
C GLU B 78 -14.42 8.69 -12.68
N SER B 79 -13.23 8.33 -12.22
CA SER B 79 -12.04 8.19 -13.06
C SER B 79 -12.26 6.97 -13.92
N PRO B 80 -11.98 7.06 -15.23
CA PRO B 80 -12.20 5.89 -16.10
C PRO B 80 -11.27 4.72 -15.87
N ASP B 81 -10.16 4.97 -15.19
CA ASP B 81 -9.19 3.92 -14.94
C ASP B 81 -9.45 3.13 -13.66
N GLU B 82 -10.54 3.42 -12.96
CA GLU B 82 -10.90 2.71 -11.71
C GLU B 82 -12.18 1.88 -11.87
N THR B 83 -12.08 0.57 -11.69
CA THR B 83 -13.22 -0.33 -11.78
C THR B 83 -13.44 -1.00 -10.43
N PRO B 84 -14.66 -0.87 -9.87
CA PRO B 84 -14.96 -1.45 -8.55
C PRO B 84 -15.26 -2.95 -8.44
N PHE B 85 -14.96 -3.51 -7.28
CA PHE B 85 -15.24 -4.91 -6.99
C PHE B 85 -16.71 -5.03 -6.57
N PHE B 86 -17.26 -3.91 -6.07
CA PHE B 86 -18.63 -3.84 -5.59
C PHE B 86 -19.37 -2.64 -6.16
N PRO B 87 -19.77 -2.76 -7.44
CA PRO B 87 -20.49 -1.76 -8.22
C PRO B 87 -21.80 -1.31 -7.58
N ASP B 88 -22.51 -2.24 -6.95
CA ASP B 88 -23.79 -1.89 -6.37
C ASP B 88 -23.69 -1.25 -5.02
N LYS B 89 -22.49 -0.98 -4.55
CA LYS B 89 -22.36 -0.38 -3.25
C LYS B 89 -21.80 1.02 -3.28
N ILE B 90 -21.08 1.34 -4.35
CA ILE B 90 -20.48 2.66 -4.44
C ILE B 90 -21.59 3.72 -4.53
N GLN B 91 -21.27 4.91 -4.05
CA GLN B 91 -22.24 5.99 -4.07
C GLN B 91 -21.70 7.19 -4.83
N LYS B 92 -22.52 8.23 -4.90
CA LYS B 92 -22.17 9.47 -5.58
C LYS B 92 -21.18 10.21 -4.69
N SER B 93 -20.24 10.94 -5.28
CA SER B 93 -19.29 11.68 -4.48
C SER B 93 -19.91 12.93 -3.89
N PHE B 94 -19.51 13.32 -2.68
CA PHE B 94 -20.06 14.55 -2.10
C PHE B 94 -19.17 15.75 -2.42
N LEU B 95 -18.06 15.51 -3.12
CA LEU B 95 -17.17 16.58 -3.54
C LEU B 95 -17.57 16.98 -4.94
N PRO B 96 -17.24 18.20 -5.35
CA PRO B 96 -17.61 18.61 -6.70
C PRO B 96 -17.00 17.61 -7.70
N SER B 97 -17.80 17.21 -8.67
CA SER B 97 -17.37 16.26 -9.67
C SER B 97 -16.44 16.83 -10.70
N ILE B 98 -15.45 16.02 -11.09
CA ILE B 98 -14.45 16.38 -12.10
C ILE B 98 -15.12 15.99 -13.42
N ASN B 99 -15.08 16.89 -14.41
CA ASN B 99 -15.74 16.56 -15.67
C ASN B 99 -14.78 15.85 -16.60
N TYR B 100 -14.85 14.53 -16.57
CA TYR B 100 -13.99 13.75 -17.41
C TYR B 100 -14.72 13.61 -18.71
N PRO B 101 -14.05 13.91 -19.82
CA PRO B 101 -14.75 13.75 -21.09
C PRO B 101 -14.82 12.27 -21.43
N GLN B 102 -15.82 11.88 -22.22
CA GLN B 102 -15.94 10.51 -22.62
C GLN B 102 -14.73 10.15 -23.47
N ILE B 103 -13.99 9.14 -23.07
CA ILE B 103 -12.86 8.70 -23.87
C ILE B 103 -13.13 7.29 -24.37
N LEU B 104 -13.55 6.40 -23.50
CA LEU B 104 -13.84 5.03 -23.91
C LEU B 104 -15.29 4.99 -24.33
N ALA B 105 -15.71 3.89 -24.95
CA ALA B 105 -17.10 3.75 -25.36
C ALA B 105 -17.95 3.89 -24.11
N PRO B 106 -19.23 4.24 -24.25
CA PRO B 106 -20.12 4.41 -23.12
C PRO B 106 -20.31 3.18 -22.23
N TYR B 107 -20.20 2.00 -22.82
CA TYR B 107 -20.37 0.74 -22.11
C TYR B 107 -19.13 0.25 -21.34
N ALA B 108 -18.03 0.99 -21.43
CA ALA B 108 -16.77 0.62 -20.77
C ALA B 108 -16.90 0.12 -19.32
N PRO B 109 -17.71 0.80 -18.48
CA PRO B 109 -17.89 0.40 -17.08
C PRO B 109 -18.47 -0.99 -16.89
N GLU B 110 -19.13 -1.51 -17.93
CA GLU B 110 -19.73 -2.84 -17.91
C GLU B 110 -18.73 -3.94 -18.05
N VAL B 111 -17.57 -3.63 -18.65
CA VAL B 111 -16.49 -4.60 -18.80
C VAL B 111 -15.78 -4.58 -17.44
N ASN B 112 -16.14 -5.53 -16.60
CA ASN B 112 -15.62 -5.62 -15.25
C ASN B 112 -15.32 -7.06 -14.90
N TYR B 113 -14.06 -7.42 -15.02
CA TYR B 113 -13.55 -8.77 -14.70
C TYR B 113 -13.05 -8.90 -13.24
N ASN B 114 -13.49 -8.01 -12.38
CA ASN B 114 -13.03 -8.02 -10.99
C ASN B 114 -13.29 -9.27 -10.17
N ASP B 115 -14.38 -9.96 -10.50
CA ASP B 115 -14.72 -11.19 -9.81
C ASP B 115 -13.71 -12.25 -10.17
N LYS B 116 -13.38 -12.37 -11.44
CA LYS B 116 -12.41 -13.36 -11.84
C LYS B 116 -11.06 -13.02 -11.24
N ILE B 117 -10.76 -11.74 -11.15
CA ILE B 117 -9.49 -11.30 -10.60
C ILE B 117 -9.39 -11.69 -9.12
N LYS B 118 -10.49 -11.56 -8.38
CA LYS B 118 -10.49 -11.90 -6.97
C LYS B 118 -10.31 -13.39 -6.74
N LYS B 119 -10.96 -14.21 -7.57
CA LYS B 119 -10.87 -15.66 -7.48
C LYS B 119 -9.48 -16.18 -7.80
N VAL B 120 -8.91 -15.79 -8.94
CA VAL B 120 -7.57 -16.26 -9.30
C VAL B 120 -6.54 -15.77 -8.29
N TYR B 121 -6.74 -14.57 -7.73
CA TYR B 121 -5.78 -14.05 -6.74
C TYR B 121 -5.83 -14.97 -5.52
N ILE B 122 -7.03 -15.30 -5.09
CA ILE B 122 -7.18 -16.16 -3.94
C ILE B 122 -6.72 -17.60 -4.16
N GLU B 123 -7.10 -18.16 -5.29
CA GLU B 123 -6.76 -19.54 -5.58
C GLU B 123 -5.40 -19.82 -6.23
N LYS B 124 -4.93 -18.93 -7.09
CA LYS B 124 -3.67 -19.15 -7.77
C LYS B 124 -2.49 -18.26 -7.39
N ILE B 125 -2.74 -17.01 -7.00
CA ILE B 125 -1.62 -16.12 -6.65
C ILE B 125 -1.17 -16.24 -5.19
N ILE B 126 -2.10 -16.22 -4.26
CA ILE B 126 -1.77 -16.34 -2.84
C ILE B 126 -0.84 -17.53 -2.54
N PRO B 127 -1.18 -18.76 -3.01
CA PRO B 127 -0.34 -19.92 -2.76
C PRO B 127 1.06 -19.73 -3.28
N LEU B 128 1.24 -18.89 -4.29
CA LEU B 128 2.56 -18.67 -4.86
C LEU B 128 3.41 -17.63 -4.17
N ILE B 129 2.80 -16.62 -3.54
CA ILE B 129 3.55 -15.54 -2.89
C ILE B 129 3.63 -15.57 -1.36
N SER B 130 2.71 -16.29 -0.72
CA SER B 130 2.65 -16.36 0.73
C SER B 130 3.87 -17.01 1.33
N LYS B 131 4.14 -16.67 2.58
CA LYS B 131 5.27 -17.22 3.30
C LYS B 131 5.09 -18.72 3.58
N ARG B 132 3.92 -19.10 4.10
CA ARG B 132 3.62 -20.47 4.42
C ARG B 132 2.12 -20.67 4.41
N ASP B 133 1.68 -21.92 4.35
CA ASP B 133 0.27 -22.27 4.37
C ASP B 133 -0.25 -22.25 5.80
N GLY B 134 -1.51 -21.92 5.99
CA GLY B 134 -2.03 -21.92 7.33
C GLY B 134 -2.48 -20.56 7.79
N ASP B 135 -3.32 -20.54 8.80
CA ASP B 135 -3.84 -19.29 9.34
C ASP B 135 -2.86 -18.70 10.30
N ASP B 136 -2.85 -17.38 10.38
CA ASP B 136 -2.01 -16.67 11.32
C ASP B 136 -3.05 -15.76 11.92
N LYS B 137 -3.70 -16.21 12.98
CA LYS B 137 -4.76 -15.43 13.56
C LYS B 137 -4.42 -14.09 14.17
N ASN B 138 -3.16 -13.74 14.23
CA ASN B 138 -2.81 -12.44 14.77
C ASN B 138 -2.59 -11.47 13.58
N ASN B 139 -2.80 -11.93 12.35
CA ASN B 139 -2.59 -11.08 11.19
C ASN B 139 -3.61 -11.10 10.12
N PHE B 140 -4.86 -11.33 10.48
CA PHE B 140 -5.90 -11.34 9.49
C PHE B 140 -6.08 -9.94 8.90
N GLY B 141 -6.12 -8.93 9.76
CA GLY B 141 -6.31 -7.56 9.29
C GLY B 141 -5.11 -7.11 8.48
N SER B 142 -3.91 -7.39 8.95
CA SER B 142 -2.69 -7.02 8.23
C SER B 142 -2.68 -7.69 6.88
N VAL B 143 -3.21 -8.91 6.83
CA VAL B 143 -3.28 -9.68 5.58
C VAL B 143 -4.37 -9.10 4.63
N ALA B 144 -5.55 -8.80 5.16
CA ALA B 144 -6.63 -8.26 4.33
C ALA B 144 -6.23 -6.93 3.68
N THR B 145 -5.53 -6.08 4.43
CA THR B 145 -5.11 -4.80 3.90
C THR B 145 -4.03 -4.95 2.80
N ARG B 146 -3.14 -5.93 2.93
CA ARG B 146 -2.12 -6.16 1.90
C ARG B 146 -2.77 -6.73 0.64
N ASP B 147 -3.84 -7.49 0.83
CA ASP B 147 -4.60 -8.11 -0.25
C ASP B 147 -5.30 -7.04 -1.08
N ILE B 148 -5.96 -6.11 -0.40
CA ILE B 148 -6.66 -5.05 -1.09
C ILE B 148 -5.73 -4.28 -1.98
N GLU B 149 -4.56 -3.97 -1.43
CA GLU B 149 -3.54 -3.27 -2.17
C GLU B 149 -3.28 -4.10 -3.40
N CYS B 150 -2.98 -5.40 -3.25
CA CYS B 150 -2.71 -6.23 -4.41
C CYS B 150 -3.81 -6.23 -5.46
N LEU B 151 -5.03 -6.46 -5.00
CA LEU B 151 -6.20 -6.52 -5.87
C LEU B 151 -6.45 -5.21 -6.61
N GLN B 152 -6.36 -4.09 -5.92
CA GLN B 152 -6.61 -2.81 -6.56
C GLN B 152 -5.59 -2.55 -7.66
N SER B 153 -4.35 -2.99 -7.47
CA SER B 153 -3.32 -2.81 -8.48
C SER B 153 -3.53 -3.77 -9.63
N LEU B 154 -3.89 -5.00 -9.32
CA LEU B 154 -4.09 -5.98 -10.36
C LEU B 154 -5.27 -5.54 -11.20
N SER B 155 -6.32 -5.05 -10.54
CA SER B 155 -7.55 -4.61 -11.20
C SER B 155 -7.35 -3.44 -12.12
N ARG B 156 -6.53 -2.46 -11.71
CA ARG B 156 -6.27 -1.29 -12.54
C ARG B 156 -5.39 -1.62 -13.76
N ARG B 157 -4.39 -2.47 -13.58
CA ARG B 157 -3.48 -2.84 -14.68
C ARG B 157 -4.22 -3.66 -15.72
N ILE B 158 -5.09 -4.55 -15.27
CA ILE B 158 -5.84 -5.40 -16.17
C ILE B 158 -6.95 -4.69 -16.91
N HIS B 159 -7.67 -3.78 -16.24
CA HIS B 159 -8.73 -3.04 -16.92
C HIS B 159 -8.18 -1.93 -17.78
N PHE B 160 -6.86 -1.71 -17.71
CA PHE B 160 -6.24 -0.69 -18.56
C PHE B 160 -6.32 -1.25 -20.00
N GLY B 161 -6.78 -2.49 -20.13
CA GLY B 161 -6.89 -3.06 -21.45
C GLY B 161 -7.85 -2.21 -22.24
N LYS B 162 -8.88 -1.74 -21.55
CA LYS B 162 -9.90 -0.93 -22.17
C LYS B 162 -9.25 0.20 -22.97
N PHE B 163 -8.28 0.84 -22.36
CA PHE B 163 -7.60 1.95 -23.00
C PHE B 163 -6.71 1.47 -24.13
N VAL B 164 -6.04 0.35 -23.91
CA VAL B 164 -5.17 -0.21 -24.94
C VAL B 164 -6.00 -0.55 -26.17
N ALA B 165 -7.12 -1.22 -25.96
CA ALA B 165 -8.00 -1.61 -27.05
C ALA B 165 -8.45 -0.42 -27.90
N GLU B 166 -8.88 0.67 -27.25
CA GLU B 166 -9.35 1.86 -27.94
C GLU B 166 -8.25 2.54 -28.76
N ALA B 167 -7.10 2.82 -28.14
CA ALA B 167 -6.00 3.46 -28.86
C ALA B 167 -5.64 2.68 -30.10
N LYS B 168 -5.81 1.36 -30.05
CA LYS B 168 -5.54 0.50 -31.19
C LYS B 168 -6.68 0.58 -32.18
N PHE B 169 -7.90 0.55 -31.66
CA PHE B 169 -9.06 0.63 -32.52
C PHE B 169 -8.97 1.90 -33.34
N GLN B 170 -8.47 2.98 -32.73
CA GLN B 170 -8.31 4.24 -33.45
C GLN B 170 -7.19 4.02 -34.45
N SER B 171 -6.05 3.58 -33.95
CA SER B 171 -4.89 3.35 -34.77
C SER B 171 -5.18 2.57 -36.06
N ASP B 172 -6.08 1.60 -36.02
CA ASP B 172 -6.35 0.86 -37.22
C ASP B 172 -7.80 0.49 -37.31
N ILE B 173 -8.62 1.50 -37.49
CA ILE B 173 -10.05 1.31 -37.59
C ILE B 173 -10.53 0.40 -38.71
N PRO B 174 -9.94 0.47 -39.93
CA PRO B 174 -10.40 -0.42 -41.00
C PRO B 174 -10.23 -1.92 -40.67
N LEU B 175 -9.08 -2.27 -40.12
CA LEU B 175 -8.79 -3.65 -39.75
C LEU B 175 -9.65 -4.13 -38.59
N TYR B 176 -9.58 -3.42 -37.46
CA TYR B 176 -10.36 -3.83 -36.29
C TYR B 176 -11.86 -3.83 -36.57
N THR B 177 -12.33 -2.88 -37.38
CA THR B 177 -13.74 -2.84 -37.71
C THR B 177 -14.08 -4.11 -38.51
N LYS B 178 -13.11 -4.58 -39.29
CA LYS B 178 -13.25 -5.79 -40.10
C LYS B 178 -13.38 -6.99 -39.16
N LEU B 179 -12.37 -7.17 -38.31
CA LEU B 179 -12.30 -8.26 -37.33
C LEU B 179 -13.50 -8.28 -36.39
N ILE B 180 -13.89 -7.09 -35.92
CA ILE B 180 -15.00 -6.99 -35.00
C ILE B 180 -16.29 -7.43 -35.69
N LYS B 181 -16.41 -7.09 -36.98
CA LYS B 181 -17.59 -7.44 -37.77
C LYS B 181 -17.76 -8.95 -37.92
N SER B 182 -16.70 -9.62 -38.35
CA SER B 182 -16.72 -11.06 -38.54
C SER B 182 -16.32 -11.83 -37.28
N LYS B 183 -16.25 -11.12 -36.14
CA LYS B 183 -15.90 -11.66 -34.83
C LYS B 183 -14.70 -12.62 -34.79
N ASP B 184 -13.64 -12.20 -35.47
CA ASP B 184 -12.41 -12.98 -35.53
C ASP B 184 -11.68 -12.83 -34.20
N VAL B 185 -12.20 -13.46 -33.15
CA VAL B 185 -11.59 -13.42 -31.82
C VAL B 185 -10.10 -13.76 -31.93
N GLU B 186 -9.79 -14.78 -32.72
CA GLU B 186 -8.43 -15.24 -32.93
C GLU B 186 -7.60 -14.16 -33.62
N GLY B 187 -8.25 -13.38 -34.49
CA GLY B 187 -7.57 -12.31 -35.22
C GLY B 187 -7.33 -11.07 -34.36
N ILE B 188 -8.34 -10.70 -33.58
CA ILE B 188 -8.23 -9.58 -32.65
C ILE B 188 -7.11 -10.00 -31.71
N MET B 189 -7.26 -11.22 -31.19
CA MET B 189 -6.28 -11.81 -30.28
C MET B 189 -4.87 -11.71 -30.83
N LYS B 190 -4.68 -12.19 -32.05
CA LYS B 190 -3.37 -12.16 -32.71
C LYS B 190 -2.94 -10.72 -32.98
N ASN B 191 -3.91 -9.88 -33.34
CA ASN B 191 -3.59 -8.49 -33.62
C ASN B 191 -3.20 -7.71 -32.38
N ILE B 192 -3.84 -8.02 -31.25
CA ILE B 192 -3.56 -7.34 -29.99
C ILE B 192 -2.33 -7.94 -29.32
N THR B 193 -2.01 -9.18 -29.68
CA THR B 193 -0.84 -9.83 -29.09
C THR B 193 0.48 -9.29 -29.63
N ASN B 194 1.27 -8.63 -28.78
CA ASN B 194 2.55 -8.10 -29.24
C ASN B 194 3.69 -8.97 -28.70
N SER B 195 3.80 -10.14 -29.31
CA SER B 195 4.77 -11.17 -28.98
C SER B 195 6.18 -10.78 -28.53
N ALA B 196 6.90 -10.06 -29.37
CA ALA B 196 8.26 -9.67 -29.04
C ALA B 196 8.33 -8.79 -27.81
N VAL B 197 7.23 -8.11 -27.50
CA VAL B 197 7.17 -7.24 -26.34
C VAL B 197 6.90 -8.07 -25.09
N GLU B 198 6.08 -9.10 -25.25
CA GLU B 198 5.76 -10.00 -24.15
C GLU B 198 7.01 -10.66 -23.57
N GLU B 199 7.94 -11.06 -24.42
CA GLU B 199 9.18 -11.67 -23.95
C GLU B 199 10.00 -10.66 -23.16
N LYS B 200 9.97 -9.41 -23.61
CA LYS B 200 10.70 -8.31 -22.99
C LYS B 200 10.18 -8.05 -21.60
N ILE B 201 8.86 -7.92 -21.48
CA ILE B 201 8.20 -7.71 -20.20
C ILE B 201 8.63 -8.79 -19.21
N LEU B 202 8.54 -10.05 -19.65
CA LEU B 202 8.92 -11.20 -18.83
C LEU B 202 10.40 -11.20 -18.42
N GLU B 203 11.26 -10.61 -19.27
CA GLU B 203 12.69 -10.53 -18.96
C GLU B 203 12.90 -9.42 -17.95
N ARG B 204 12.16 -8.34 -18.13
CA ARG B 204 12.22 -7.19 -17.25
C ARG B 204 11.71 -7.65 -15.88
N LEU B 205 10.61 -8.42 -15.86
CA LEU B 205 10.02 -8.92 -14.61
C LEU B 205 10.98 -9.80 -13.81
N THR B 206 11.63 -10.74 -14.50
CA THR B 206 12.61 -11.61 -13.88
C THR B 206 13.68 -10.74 -13.20
N LYS B 207 14.21 -9.76 -13.93
CA LYS B 207 15.25 -8.90 -13.39
C LYS B 207 14.79 -8.04 -12.20
N LYS B 208 13.61 -7.46 -12.31
CA LYS B 208 13.12 -6.66 -11.20
C LYS B 208 12.92 -7.58 -9.99
N ALA B 209 12.32 -8.76 -10.21
CA ALA B 209 12.09 -9.72 -9.13
C ALA B 209 13.41 -10.06 -8.46
N GLU B 210 14.47 -10.18 -9.25
CA GLU B 210 15.74 -10.48 -8.66
C GLU B 210 16.33 -9.34 -7.83
N VAL B 211 15.96 -8.09 -8.12
CA VAL B 211 16.52 -6.98 -7.33
C VAL B 211 15.66 -6.38 -6.21
N TYR B 212 14.35 -6.26 -6.40
CA TYR B 212 13.49 -5.66 -5.36
C TYR B 212 13.28 -6.57 -4.16
N GLY B 213 13.13 -5.98 -2.99
CA GLY B 213 12.90 -6.75 -1.78
C GLY B 213 14.13 -7.32 -1.12
N VAL B 214 15.21 -7.50 -1.88
CA VAL B 214 16.45 -8.05 -1.34
C VAL B 214 17.42 -6.95 -0.97
N ASP B 215 18.08 -7.11 0.17
CA ASP B 215 19.06 -6.14 0.63
C ASP B 215 20.22 -6.22 -0.36
N PRO B 216 20.56 -5.09 -1.01
CA PRO B 216 21.65 -5.06 -1.99
C PRO B 216 23.05 -5.31 -1.40
N THR B 217 23.16 -5.26 -0.07
CA THR B 217 24.44 -5.52 0.59
C THR B 217 24.48 -6.98 1.06
N GLU B 222 18.17 -12.70 -0.84
CA GLU B 222 17.14 -13.41 -0.02
C GLU B 222 15.93 -13.84 -0.82
N ARG B 223 15.65 -13.12 -1.91
CA ARG B 223 14.52 -13.41 -2.77
C ARG B 223 13.19 -13.53 -2.08
N ARG B 224 12.56 -12.37 -1.86
CA ARG B 224 11.25 -12.31 -1.24
C ARG B 224 10.19 -12.78 -2.26
N ILE B 225 10.50 -12.61 -3.54
CA ILE B 225 9.63 -13.01 -4.64
C ILE B 225 10.44 -13.94 -5.55
N ILE B 226 9.87 -15.09 -5.89
CA ILE B 226 10.54 -16.04 -6.78
C ILE B 226 10.29 -15.54 -8.21
N PRO B 227 11.35 -15.19 -8.94
CA PRO B 227 11.22 -14.70 -10.30
C PRO B 227 10.35 -15.58 -11.19
N GLU B 228 10.61 -16.89 -11.19
CA GLU B 228 9.83 -17.84 -12.02
C GLU B 228 8.35 -17.79 -11.70
N TYR B 229 8.03 -17.49 -10.45
CA TYR B 229 6.64 -17.40 -10.05
C TYR B 229 6.04 -16.09 -10.55
N LEU B 230 6.80 -15.00 -10.48
CA LEU B 230 6.31 -13.71 -10.95
C LEU B 230 6.05 -13.82 -12.44
N VAL B 231 6.97 -14.47 -13.15
CA VAL B 231 6.80 -14.67 -14.59
C VAL B 231 5.55 -15.49 -14.90
N LYS B 232 5.29 -16.49 -14.07
CA LYS B 232 4.14 -17.34 -14.25
C LYS B 232 2.87 -16.55 -13.99
N ILE B 233 2.88 -15.71 -12.95
CA ILE B 233 1.70 -14.91 -12.64
C ILE B 233 1.34 -13.98 -13.81
N TYR B 234 2.35 -13.33 -14.39
CA TYR B 234 2.09 -12.44 -15.50
C TYR B 234 1.74 -13.16 -16.76
N LYS B 235 2.47 -14.22 -17.05
CA LYS B 235 2.26 -15.01 -18.25
C LYS B 235 0.94 -15.75 -18.31
N GLU B 236 0.49 -16.23 -17.17
CA GLU B 236 -0.76 -16.98 -17.11
C GLU B 236 -1.92 -16.24 -16.50
N ILE B 237 -1.65 -15.17 -15.76
CA ILE B 237 -2.78 -14.47 -15.16
C ILE B 237 -3.02 -13.05 -15.65
N VAL B 238 -2.05 -12.19 -15.43
CA VAL B 238 -2.22 -10.78 -15.81
C VAL B 238 -2.38 -10.50 -17.28
N ILE B 239 -1.38 -10.87 -18.08
CA ILE B 239 -1.41 -10.62 -19.50
C ILE B 239 -2.64 -11.29 -20.13
N PRO B 240 -2.97 -12.51 -19.73
CA PRO B 240 -4.15 -13.10 -20.37
C PRO B 240 -5.48 -12.47 -20.00
N ILE B 241 -5.72 -12.12 -18.73
CA ILE B 241 -7.00 -11.51 -18.39
C ILE B 241 -7.11 -10.09 -18.98
N THR B 242 -5.98 -9.44 -19.19
CA THR B 242 -6.02 -8.13 -19.79
C THR B 242 -6.63 -8.33 -21.20
N LYS B 243 -6.10 -9.29 -21.95
CA LYS B 243 -6.60 -9.58 -23.29
C LYS B 243 -8.09 -9.89 -23.34
N GLU B 244 -8.61 -10.62 -22.37
CA GLU B 244 -10.05 -10.90 -22.38
C GLU B 244 -10.79 -9.58 -22.25
N VAL B 245 -10.18 -8.61 -21.58
CA VAL B 245 -10.78 -7.30 -21.40
C VAL B 245 -10.77 -6.59 -22.75
N GLU B 246 -9.59 -6.53 -23.36
CA GLU B 246 -9.42 -5.91 -24.67
C GLU B 246 -10.41 -6.51 -25.63
N VAL B 247 -10.42 -7.83 -25.68
CA VAL B 247 -11.32 -8.51 -26.59
C VAL B 247 -12.80 -8.22 -26.33
N GLU B 248 -13.26 -8.31 -25.10
CA GLU B 248 -14.68 -8.06 -24.84
C GLU B 248 -15.01 -6.61 -25.24
N TYR B 249 -14.10 -5.71 -24.96
CA TYR B 249 -14.29 -4.31 -25.30
C TYR B 249 -14.42 -4.14 -26.83
N LEU B 250 -13.46 -4.67 -27.58
CA LEU B 250 -13.47 -4.54 -29.03
C LEU B 250 -14.68 -5.14 -29.70
N LEU B 251 -15.11 -6.29 -29.20
CA LEU B 251 -16.26 -6.95 -29.81
C LEU B 251 -17.53 -6.15 -29.69
N ARG B 252 -17.54 -5.16 -28.81
CA ARG B 252 -18.74 -4.37 -28.66
C ARG B 252 -18.55 -2.93 -29.13
N ARG B 253 -17.43 -2.64 -29.78
CA ARG B 253 -17.18 -1.28 -30.23
C ARG B 253 -18.27 -0.69 -31.13
N LEU B 254 -18.58 -1.39 -32.22
CA LEU B 254 -19.58 -0.95 -33.19
C LEU B 254 -21.00 -1.35 -32.80
N GLU B 255 -21.16 -1.81 -31.56
CA GLU B 255 -22.45 -2.29 -31.06
C GLU B 255 -23.50 -1.21 -30.80
N GLU B 256 -23.13 0.05 -30.97
CA GLU B 256 -24.06 1.16 -30.74
C GLU B 256 -25.14 1.22 -31.85
N TRP C . -7.04 9.35 -9.42
CA TRP C . -8.44 9.81 -9.09
C TRP C . -8.45 10.85 -7.98
O TRP C . -9.45 11.59 -7.79
CB TRP C . -9.29 8.62 -8.68
CG TRP C . -8.76 7.89 -7.46
CD1 TRP C . -7.83 6.90 -7.44
CD2 TRP C . -9.21 8.04 -6.11
NE1 TRP C . -7.67 6.42 -6.15
CE2 TRP C . -8.51 7.12 -5.32
CE3 TRP C . -10.15 8.89 -5.50
CZ2 TRP C . -8.72 7.00 -3.96
CZ3 TRP C . -10.34 8.78 -4.13
CH2 TRP C . -9.63 7.84 -3.38
OXT TRP C . -7.44 10.89 -7.25
H1 TRP C . -6.55 9.06 -8.55
H2 TRP C . -7.00 8.61 -10.14
H3 TRP C . -6.55 10.21 -9.76
HE1 TRP C . -7.04 5.71 -5.87
N TRP D . -1.75 -7.16 12.80
CA TRP D . -2.98 -6.97 13.62
C TRP D . -4.12 -7.72 12.96
O TRP D . -5.23 -7.85 13.54
CB TRP D . -3.32 -5.47 13.71
CG TRP D . -3.70 -4.88 12.41
CD1 TRP D . -2.88 -4.28 11.50
CD2 TRP D . -5.04 -4.80 11.87
NE1 TRP D . -3.62 -3.82 10.43
CE2 TRP D . -4.95 -4.13 10.63
CE3 TRP D . -6.30 -5.23 12.31
CZ2 TRP D . -6.06 -3.89 9.84
CZ3 TRP D . -7.40 -4.98 11.52
CH2 TRP D . -7.28 -4.31 10.30
OXT TRP D . -3.90 -8.15 11.82
H1 TRP D . -1.95 -6.87 11.82
H2 TRP D . -0.92 -6.71 13.20
H3 TRP D . -1.62 -8.19 12.77
HE1 TRP D . -3.25 -3.35 9.64
#